data_8P6K
#
_entry.id   8P6K
#
_cell.length_a   150.474
_cell.length_b   24.107
_cell.length_c   78.007
_cell.angle_alpha   90.000
_cell.angle_beta   105.287
_cell.angle_gamma   90.000
#
_symmetry.space_group_name_H-M   'C 1 2 1'
#
loop_
_entity.id
_entity.type
_entity.pdbx_description
1 polymer 'Antiphagocytic M protein, type 3'
2 water water
#
_entity_poly.entity_id   1
_entity_poly.type   'polypeptide(L)'
_entity_poly.pdbx_seq_one_letter_code
;GAMDARSVNGEFPRHVKLKNEIENLLDQVTQLYTKHNSNYQQYNAQAGRLDLRQKAEYLKGLNDWAERLLQELNGEDVKK
VLGKVAFEKDDLEKEVKELKEKIDKKEKEYQDC
;
_entity_poly.pdbx_strand_id   BBB,CCC
#
# COMPACT_ATOMS: atom_id res chain seq x y z
N ASP A 4 -12.74 34.05 -3.69
CA ASP A 4 -11.86 32.84 -3.74
C ASP A 4 -12.62 31.72 -3.03
N ALA A 5 -11.98 30.59 -2.78
CA ALA A 5 -12.59 29.40 -2.15
C ALA A 5 -13.98 29.13 -2.76
N ARG A 6 -13.94 28.69 -4.02
CA ARG A 6 -15.10 28.08 -4.72
C ARG A 6 -15.16 26.59 -4.43
N SER A 7 -16.26 25.94 -4.82
CA SER A 7 -16.49 24.48 -4.76
C SER A 7 -16.00 23.78 -6.04
N VAL A 8 -16.50 24.15 -7.23
CA VAL A 8 -16.21 23.43 -8.51
C VAL A 8 -16.58 21.95 -8.30
N ASN A 9 -17.81 21.71 -7.87
CA ASN A 9 -18.34 20.36 -7.64
C ASN A 9 -17.50 19.62 -6.58
N GLY A 10 -16.94 20.34 -5.59
CA GLY A 10 -16.05 19.81 -4.54
C GLY A 10 -14.61 19.60 -5.01
N GLU A 11 -14.29 19.86 -6.28
CA GLU A 11 -12.97 19.54 -6.83
C GLU A 11 -11.94 20.53 -6.29
N PHE A 12 -12.33 21.77 -5.99
CA PHE A 12 -11.35 22.73 -5.46
C PHE A 12 -10.96 22.35 -4.03
N PRO A 13 -11.87 22.11 -3.07
CA PRO A 13 -11.50 21.55 -1.76
C PRO A 13 -10.68 20.24 -1.84
N ARG A 14 -10.98 19.39 -2.83
CA ARG A 14 -10.23 18.13 -3.08
C ARG A 14 -8.80 18.47 -3.49
N HIS A 15 -8.61 19.46 -4.39
CA HIS A 15 -7.27 19.93 -4.81
C HIS A 15 -6.48 20.32 -3.55
N VAL A 16 -7.11 21.05 -2.64
CA VAL A 16 -6.42 21.57 -1.43
C VAL A 16 -6.09 20.40 -0.50
N LYS A 17 -7.02 19.46 -0.33
CA LYS A 17 -6.81 18.27 0.53
C LYS A 17 -5.65 17.45 -0.05
N LEU A 18 -5.65 17.15 -1.35
CA LEU A 18 -4.53 16.41 -2.00
C LEU A 18 -3.24 17.17 -1.79
N LYS A 19 -3.27 18.49 -1.92
CA LYS A 19 -2.05 19.33 -1.72
C LYS A 19 -1.52 19.14 -0.28
N ASN A 20 -2.40 19.19 0.70
CA ASN A 20 -2.00 18.98 2.12
C ASN A 20 -1.48 17.55 2.35
N GLU A 21 -2.09 16.52 1.76
CA GLU A 21 -1.64 15.12 1.94
C GLU A 21 -0.25 14.96 1.30
N ILE A 22 -0.05 15.55 0.13
CA ILE A 22 1.27 15.47 -0.57
C ILE A 22 2.28 16.19 0.30
N GLU A 23 1.98 17.39 0.79
CA GLU A 23 2.94 18.15 1.64
C GLU A 23 3.32 17.33 2.88
N ASN A 24 2.36 16.67 3.51
CA ASN A 24 2.59 15.88 4.75
C ASN A 24 3.54 14.71 4.40
N LEU A 25 3.32 14.00 3.29
CA LEU A 25 4.23 12.92 2.82
C LEU A 25 5.62 13.49 2.57
N LEU A 26 5.71 14.62 1.86
CA LEU A 26 7.03 15.23 1.53
C LEU A 26 7.77 15.54 2.82
N ASP A 27 7.07 16.11 3.81
CA ASP A 27 7.66 16.42 5.14
C ASP A 27 8.17 15.12 5.81
N GLN A 28 7.35 14.10 5.88
CA GLN A 28 7.74 12.79 6.46
C GLN A 28 8.99 12.26 5.75
N VAL A 29 9.04 12.27 4.40
CA VAL A 29 10.19 11.65 3.68
C VAL A 29 11.42 12.53 3.88
N THR A 30 11.23 13.85 3.90
CA THR A 30 12.35 14.80 4.13
C THR A 30 12.98 14.55 5.51
N GLN A 31 12.18 14.44 6.57
CA GLN A 31 12.69 14.15 7.93
C GLN A 31 13.39 12.79 7.97
N LEU A 32 12.85 11.74 7.31
CA LEU A 32 13.50 10.41 7.20
C LEU A 32 14.90 10.59 6.57
N TYR A 33 14.98 11.34 5.48
CA TYR A 33 16.24 11.57 4.75
C TYR A 33 17.23 12.29 5.66
N THR A 34 16.80 13.41 6.25
CA THR A 34 17.63 14.27 7.13
C THR A 34 18.21 13.43 8.27
N LYS A 35 17.34 12.65 8.89
CA LYS A 35 17.70 11.87 10.09
C LYS A 35 18.61 10.68 9.74
N HIS A 36 18.40 10.03 8.60
CA HIS A 36 19.30 8.94 8.11
C HIS A 36 20.71 9.49 7.97
N ASN A 37 20.84 10.67 7.36
CA ASN A 37 22.14 11.33 7.11
C ASN A 37 22.79 11.72 8.44
N SER A 38 22.05 12.36 9.34
CA SER A 38 22.61 12.82 10.64
C SER A 38 22.93 11.60 11.53
N ASN A 39 22.14 10.52 11.43
CA ASN A 39 22.41 9.22 12.11
C ASN A 39 23.85 8.76 11.81
N TYR A 40 24.31 8.86 10.56
CA TYR A 40 25.66 8.40 10.15
C TYR A 40 26.73 9.34 10.72
N GLN A 41 26.51 10.66 10.64
CA GLN A 41 27.42 11.67 11.23
C GLN A 41 27.55 11.40 12.74
N GLN A 42 26.45 11.08 13.40
CA GLN A 42 26.43 10.72 14.84
C GLN A 42 27.22 9.44 15.06
N TYR A 43 27.05 8.45 14.19
CA TYR A 43 27.81 7.18 14.26
C TYR A 43 29.30 7.49 14.18
N ASN A 44 29.72 8.25 13.18
CA ASN A 44 31.13 8.64 12.97
C ASN A 44 31.69 9.26 14.26
N ALA A 45 30.95 10.16 14.90
CA ALA A 45 31.39 10.94 16.08
C ALA A 45 31.66 10.01 17.26
N GLN A 46 30.89 8.94 17.38
CA GLN A 46 30.84 8.01 18.54
C GLN A 46 31.55 6.69 18.18
N ALA A 47 31.93 6.50 16.90
CA ALA A 47 32.50 5.24 16.36
C ALA A 47 33.87 4.98 17.00
N GLY A 48 34.69 6.03 17.15
CA GLY A 48 36.09 5.97 17.59
C GLY A 48 36.32 4.96 18.71
N ARG A 49 35.60 5.09 19.83
CA ARG A 49 35.82 4.29 21.06
C ARG A 49 34.73 3.20 21.15
N LEU A 50 34.39 2.58 20.02
CA LEU A 50 33.65 1.29 19.96
C LEU A 50 34.54 0.24 19.28
N ASP A 51 34.37 -1.02 19.65
CA ASP A 51 35.06 -2.17 18.98
C ASP A 51 34.32 -2.48 17.66
N LEU A 52 34.88 -3.37 16.85
CA LEU A 52 34.34 -3.76 15.52
C LEU A 52 32.89 -4.25 15.68
N ARG A 53 32.64 -5.12 16.66
CA ARG A 53 31.30 -5.76 16.82
C ARG A 53 30.29 -4.71 17.24
N GLN A 54 30.65 -3.80 18.15
CA GLN A 54 29.77 -2.73 18.63
C GLN A 54 29.49 -1.75 17.48
N LYS A 55 30.50 -1.44 16.65
CA LYS A 55 30.34 -0.56 15.45
C LYS A 55 29.24 -1.13 14.54
N ALA A 56 29.36 -2.40 14.13
CA ALA A 56 28.37 -3.10 13.29
C ALA A 56 27.00 -3.07 13.96
N GLU A 57 26.89 -3.34 15.26
CA GLU A 57 25.58 -3.45 15.95
C GLU A 57 24.91 -2.07 15.97
N TYR A 58 25.70 -1.02 16.20
CA TYR A 58 25.25 0.39 16.24
C TYR A 58 24.72 0.83 14.85
N LEU A 59 25.54 0.72 13.82
CA LEU A 59 25.17 1.16 12.45
C LEU A 59 24.02 0.28 11.94
N LYS A 60 24.01 -1.01 12.27
CA LYS A 60 22.89 -1.92 11.91
C LYS A 60 21.58 -1.39 12.52
N GLY A 61 21.57 -1.06 13.80
CA GLY A 61 20.42 -0.46 14.51
C GLY A 61 19.91 0.80 13.82
N LEU A 62 20.80 1.73 13.47
CA LEU A 62 20.45 2.97 12.74
C LEU A 62 19.84 2.60 11.38
N ASN A 63 20.46 1.68 10.64
CA ASN A 63 19.97 1.26 9.29
C ASN A 63 18.59 0.63 9.45
N ASP A 64 18.42 -0.20 10.47
CA ASP A 64 17.14 -0.91 10.73
C ASP A 64 16.02 0.10 10.98
N TRP A 65 16.30 1.13 11.76
CA TRP A 65 15.30 2.19 12.05
C TRP A 65 14.85 2.87 10.74
N ALA A 66 15.78 3.20 9.85
CA ALA A 66 15.47 3.91 8.60
C ALA A 66 14.67 3.00 7.68
N GLU A 67 15.11 1.76 7.51
CA GLU A 67 14.46 0.79 6.57
C GLU A 67 13.01 0.54 6.98
N ARG A 68 12.77 0.38 8.29
CA ARG A 68 11.42 0.13 8.85
C ARG A 68 10.53 1.33 8.54
N LEU A 69 11.03 2.55 8.78
CA LEU A 69 10.25 3.78 8.57
C LEU A 69 9.98 3.97 7.08
N LEU A 70 10.96 3.68 6.22
CA LEU A 70 10.77 3.77 4.75
C LEU A 70 9.64 2.81 4.33
N GLN A 71 9.68 1.56 4.78
CA GLN A 71 8.68 0.51 4.40
C GLN A 71 7.27 0.86 4.91
N GLU A 72 7.20 1.57 6.02
CA GLU A 72 5.94 2.11 6.56
C GLU A 72 5.43 3.24 5.66
N LEU A 73 6.29 4.18 5.24
CA LEU A 73 5.84 5.33 4.43
C LEU A 73 5.43 4.89 3.03
N ASN A 74 6.12 3.91 2.44
CA ASN A 74 5.92 3.56 1.01
C ASN A 74 4.96 2.36 0.86
N GLY A 75 4.46 1.78 1.95
CA GLY A 75 3.55 0.61 1.92
C GLY A 75 4.19 -0.72 1.53
N GLU A 76 5.52 -0.83 1.44
CA GLU A 76 6.20 -2.14 1.20
C GLU A 76 5.73 -3.21 2.21
N ASP A 77 5.59 -2.84 3.48
CA ASP A 77 5.14 -3.75 4.57
C ASP A 77 3.77 -4.34 4.25
N VAL A 78 2.84 -3.49 3.82
CA VAL A 78 1.45 -3.88 3.47
C VAL A 78 1.47 -4.84 2.26
N LYS A 79 2.36 -4.61 1.30
CA LYS A 79 2.41 -5.44 0.07
C LYS A 79 2.78 -6.88 0.44
N LYS A 80 3.65 -7.10 1.42
CA LYS A 80 4.04 -8.47 1.83
C LYS A 80 2.83 -9.14 2.48
N VAL A 81 2.06 -8.42 3.29
CA VAL A 81 0.84 -9.01 3.91
C VAL A 81 -0.16 -9.32 2.79
N LEU A 82 -0.30 -8.42 1.82
CA LEU A 82 -1.24 -8.64 0.69
C LEU A 82 -0.87 -9.95 -0.04
N GLY A 83 0.41 -10.17 -0.28
CA GLY A 83 0.92 -11.40 -0.93
C GLY A 83 0.37 -12.63 -0.23
N LYS A 84 0.48 -12.68 1.10
CA LYS A 84 0.07 -13.87 1.88
C LYS A 84 -1.46 -14.07 1.76
N VAL A 85 -2.23 -13.02 2.05
CA VAL A 85 -3.71 -13.05 2.08
C VAL A 85 -4.23 -13.41 0.67
N ALA A 86 -3.60 -12.90 -0.39
CA ALA A 86 -4.01 -13.21 -1.78
C ALA A 86 -3.79 -14.69 -2.08
N PHE A 87 -2.69 -15.26 -1.59
CA PHE A 87 -2.40 -16.70 -1.81
C PHE A 87 -3.47 -17.55 -1.11
N GLU A 88 -3.87 -17.18 0.12
CA GLU A 88 -4.87 -17.97 0.87
C GLU A 88 -6.23 -17.81 0.17
N LYS A 89 -6.57 -16.60 -0.25
CA LYS A 89 -7.84 -16.33 -0.97
C LYS A 89 -7.90 -17.21 -2.22
N ASP A 90 -6.83 -17.28 -3.00
CA ASP A 90 -6.77 -18.13 -4.23
C ASP A 90 -7.03 -19.62 -3.87
N ASP A 91 -6.40 -20.15 -2.82
CA ASP A 91 -6.58 -21.57 -2.38
C ASP A 91 -8.03 -21.77 -1.97
N LEU A 92 -8.63 -20.79 -1.30
CA LEU A 92 -10.03 -20.95 -0.85
C LEU A 92 -10.97 -20.92 -2.05
N GLU A 93 -10.68 -20.11 -3.07
CA GLU A 93 -11.55 -20.08 -4.27
C GLU A 93 -11.56 -21.45 -4.93
N LYS A 94 -10.41 -22.10 -5.02
CA LYS A 94 -10.29 -23.46 -5.60
C LYS A 94 -11.00 -24.46 -4.69
N GLU A 95 -10.92 -24.31 -3.38
CA GLU A 95 -11.60 -25.25 -2.46
C GLU A 95 -13.11 -25.11 -2.61
N VAL A 96 -13.62 -23.88 -2.74
CA VAL A 96 -15.08 -23.66 -2.91
C VAL A 96 -15.55 -24.34 -4.20
N LYS A 97 -14.78 -24.19 -5.29
CA LYS A 97 -15.12 -24.80 -6.60
C LYS A 97 -15.22 -26.32 -6.44
N GLU A 98 -14.21 -26.93 -5.81
CA GLU A 98 -14.13 -28.40 -5.58
C GLU A 98 -15.33 -28.84 -4.74
N LEU A 99 -15.69 -28.10 -3.70
CA LEU A 99 -16.81 -28.52 -2.84
C LEU A 99 -18.12 -28.42 -3.63
N LYS A 100 -18.32 -27.39 -4.46
CA LYS A 100 -19.55 -27.28 -5.27
C LYS A 100 -19.66 -28.45 -6.27
N GLU A 101 -18.55 -28.86 -6.85
CA GLU A 101 -18.48 -30.05 -7.75
C GLU A 101 -18.86 -31.31 -6.95
N LYS A 102 -18.35 -31.48 -5.73
CA LYS A 102 -18.65 -32.64 -4.83
C LYS A 102 -20.15 -32.67 -4.54
N ILE A 103 -20.76 -31.52 -4.29
CA ILE A 103 -22.22 -31.44 -3.99
C ILE A 103 -23.01 -31.84 -5.23
N ASP A 104 -22.60 -31.42 -6.42
CA ASP A 104 -23.28 -31.82 -7.69
C ASP A 104 -23.17 -33.34 -7.89
N LYS A 105 -22.02 -33.92 -7.56
CA LYS A 105 -21.82 -35.39 -7.69
C LYS A 105 -22.67 -36.15 -6.64
N LYS A 106 -22.79 -35.63 -5.41
CA LYS A 106 -23.62 -36.27 -4.35
C LYS A 106 -25.10 -36.24 -4.75
N GLU A 107 -25.57 -35.18 -5.40
CA GLU A 107 -26.96 -35.11 -5.94
C GLU A 107 -27.16 -36.23 -6.95
N LYS A 108 -26.19 -36.47 -7.85
CA LYS A 108 -26.21 -37.61 -8.79
C LYS A 108 -26.20 -38.94 -8.00
N GLU A 109 -25.26 -39.08 -7.05
CA GLU A 109 -25.09 -40.28 -6.20
C GLU A 109 -26.45 -40.70 -5.60
N TYR A 110 -27.29 -39.75 -5.14
CA TYR A 110 -28.51 -40.04 -4.33
C TYR A 110 -29.79 -39.62 -5.08
N GLN A 111 -29.75 -39.51 -6.42
CA GLN A 111 -30.91 -39.03 -7.22
C GLN A 111 -32.11 -39.99 -7.07
N ASP A 112 -31.83 -41.28 -6.86
CA ASP A 112 -32.82 -42.39 -6.97
C ASP A 112 -33.64 -42.55 -5.69
N CYS A 113 -32.99 -42.60 -4.52
CA CYS A 113 -33.66 -42.86 -3.21
C CYS A 113 -34.53 -41.65 -2.83
N ARG B 6 32.92 -7.08 6.23
CA ARG B 6 33.29 -6.64 4.85
C ARG B 6 33.42 -5.11 4.78
N SER B 7 32.43 -4.37 5.34
CA SER B 7 32.47 -2.88 5.52
C SER B 7 31.53 -2.41 6.64
N VAL B 8 32.07 -2.39 7.86
CA VAL B 8 31.24 -2.35 9.10
C VAL B 8 30.20 -3.48 8.99
N ASN B 9 30.68 -4.69 8.70
CA ASN B 9 29.84 -5.91 8.54
C ASN B 9 28.77 -5.67 7.45
N GLY B 10 29.11 -4.92 6.40
CA GLY B 10 28.22 -4.55 5.27
C GLY B 10 27.25 -3.42 5.58
N GLU B 11 27.24 -2.90 6.81
CA GLU B 11 26.25 -1.88 7.24
C GLU B 11 26.56 -0.54 6.55
N PHE B 12 27.81 -0.25 6.20
CA PHE B 12 28.14 1.04 5.54
C PHE B 12 27.54 1.06 4.13
N PRO B 13 27.79 0.06 3.26
CA PRO B 13 27.11 -0.01 1.96
C PRO B 13 25.57 -0.03 2.08
N ARG B 14 25.03 -0.71 3.10
CA ARG B 14 23.57 -0.75 3.36
C ARG B 14 23.07 0.68 3.69
N HIS B 15 23.79 1.45 4.51
CA HIS B 15 23.47 2.87 4.78
C HIS B 15 23.36 3.64 3.45
N VAL B 16 24.31 3.43 2.53
CA VAL B 16 24.35 4.18 1.24
C VAL B 16 23.14 3.73 0.38
N LYS B 17 22.84 2.44 0.36
CA LYS B 17 21.69 1.86 -0.37
C LYS B 17 20.39 2.51 0.14
N LEU B 18 20.16 2.45 1.45
CA LEU B 18 18.98 3.05 2.09
C LEU B 18 18.92 4.53 1.76
N LYS B 19 20.06 5.22 1.77
CA LYS B 19 20.12 6.65 1.43
C LYS B 19 19.59 6.87 0.01
N ASN B 20 20.06 6.09 -0.94
CA ASN B 20 19.62 6.20 -2.36
C ASN B 20 18.10 5.87 -2.48
N GLU B 21 17.60 4.86 -1.77
CA GLU B 21 16.16 4.50 -1.83
C GLU B 21 15.29 5.61 -1.23
N ILE B 22 15.74 6.21 -0.13
CA ILE B 22 15.00 7.33 0.50
C ILE B 22 15.02 8.51 -0.48
N GLU B 23 16.18 8.83 -1.06
CA GLU B 23 16.29 9.97 -1.99
C GLU B 23 15.36 9.77 -3.20
N ASN B 24 15.24 8.56 -3.69
CA ASN B 24 14.36 8.25 -4.87
C ASN B 24 12.90 8.54 -4.50
N LEU B 25 12.44 8.11 -3.32
CA LEU B 25 11.07 8.43 -2.83
C LEU B 25 10.91 9.95 -2.71
N LEU B 26 11.89 10.63 -2.12
CA LEU B 26 11.82 12.08 -1.88
C LEU B 26 11.67 12.79 -3.23
N ASP B 27 12.46 12.39 -4.22
CA ASP B 27 12.41 12.96 -5.59
C ASP B 27 11.00 12.72 -6.19
N GLN B 28 10.48 11.49 -6.11
CA GLN B 28 9.11 11.19 -6.62
C GLN B 28 8.08 12.09 -5.93
N VAL B 29 8.15 12.28 -4.60
CA VAL B 29 7.09 13.04 -3.89
C VAL B 29 7.26 14.52 -4.26
N THR B 30 8.50 14.99 -4.38
CA THR B 30 8.79 16.40 -4.76
C THR B 30 8.21 16.71 -6.16
N GLN B 31 8.43 15.84 -7.14
CA GLN B 31 7.87 16.03 -8.51
C GLN B 31 6.33 16.02 -8.45
N LEU B 32 5.73 15.09 -7.69
CA LEU B 32 4.25 15.02 -7.51
C LEU B 32 3.76 16.36 -6.95
N TYR B 33 4.43 16.90 -5.93
CA TYR B 33 4.05 18.19 -5.31
C TYR B 33 4.10 19.30 -6.35
N THR B 34 5.23 19.42 -7.06
CA THR B 34 5.48 20.48 -8.06
C THR B 34 4.39 20.46 -9.13
N LYS B 35 4.11 19.26 -9.64
CA LYS B 35 3.16 19.07 -10.75
C LYS B 35 1.73 19.32 -10.30
N HIS B 36 1.35 18.92 -9.08
CA HIS B 36 -0.02 19.17 -8.53
C HIS B 36 -0.24 20.68 -8.52
N ASN B 37 0.75 21.44 -8.05
CA ASN B 37 0.67 22.91 -7.90
C ASN B 37 0.63 23.59 -9.29
N SER B 38 1.49 23.19 -10.22
CA SER B 38 1.49 23.78 -11.59
C SER B 38 0.20 23.36 -12.33
N ASN B 39 -0.32 22.17 -12.07
CA ASN B 39 -1.62 21.71 -12.63
C ASN B 39 -2.72 22.72 -12.30
N TYR B 40 -2.74 23.25 -11.07
CA TYR B 40 -3.75 24.25 -10.63
C TYR B 40 -3.52 25.59 -11.34
N GLN B 41 -2.28 26.06 -11.43
CA GLN B 41 -1.93 27.32 -12.15
C GLN B 41 -2.43 27.20 -13.60
N GLN B 42 -2.21 26.05 -14.24
CA GLN B 42 -2.73 25.75 -15.60
C GLN B 42 -4.26 25.82 -15.61
N TYR B 43 -4.92 25.21 -14.62
CA TYR B 43 -6.40 25.22 -14.49
C TYR B 43 -6.89 26.68 -14.43
N ASN B 44 -6.31 27.47 -13.53
CA ASN B 44 -6.65 28.89 -13.30
C ASN B 44 -6.60 29.63 -14.66
N ALA B 45 -5.55 29.39 -15.46
CA ALA B 45 -5.31 30.06 -16.75
C ALA B 45 -6.44 29.77 -17.74
N GLN B 46 -7.04 28.59 -17.71
CA GLN B 46 -8.08 28.14 -18.69
C GLN B 46 -9.47 28.18 -18.05
N ALA B 47 -9.58 28.45 -16.75
CA ALA B 47 -10.85 28.42 -15.98
C ALA B 47 -11.86 29.41 -16.59
N GLY B 48 -11.41 30.64 -16.85
CA GLY B 48 -12.18 31.74 -17.47
C GLY B 48 -13.09 31.28 -18.60
N ARG B 49 -12.57 30.54 -19.58
CA ARG B 49 -13.26 30.19 -20.85
C ARG B 49 -14.13 28.94 -20.72
N LEU B 50 -14.30 28.35 -19.53
CA LEU B 50 -15.05 27.08 -19.37
C LEU B 50 -16.32 27.28 -18.54
N ASP B 51 -17.32 26.45 -18.81
CA ASP B 51 -18.59 26.43 -18.06
C ASP B 51 -18.35 25.63 -16.77
N LEU B 52 -19.35 25.59 -15.87
CA LEU B 52 -19.25 24.93 -14.55
C LEU B 52 -18.92 23.45 -14.76
N ARG B 53 -19.63 22.77 -15.69
CA ARG B 53 -19.47 21.31 -15.91
C ARG B 53 -18.04 21.02 -16.40
N GLN B 54 -17.54 21.83 -17.33
CA GLN B 54 -16.19 21.64 -17.92
C GLN B 54 -15.12 21.92 -16.84
N LYS B 55 -15.32 22.96 -16.03
CA LYS B 55 -14.40 23.28 -14.89
C LYS B 55 -14.25 22.08 -13.95
N ALA B 56 -15.35 21.51 -13.48
CA ALA B 56 -15.36 20.33 -12.61
C ALA B 56 -14.64 19.16 -13.32
N GLU B 57 -14.93 18.89 -14.59
CA GLU B 57 -14.34 17.72 -15.30
C GLU B 57 -12.82 17.89 -15.42
N TYR B 58 -12.38 19.10 -15.72
CA TYR B 58 -10.97 19.47 -15.86
C TYR B 58 -10.21 19.32 -14.51
N LEU B 59 -10.67 20.01 -13.47
CA LEU B 59 -10.04 19.94 -12.12
C LEU B 59 -10.12 18.51 -11.55
N LYS B 60 -11.22 17.80 -11.79
CA LYS B 60 -11.35 16.38 -11.40
C LYS B 60 -10.24 15.56 -12.07
N GLY B 61 -10.02 15.70 -13.38
CA GLY B 61 -8.95 14.99 -14.11
C GLY B 61 -7.58 15.23 -13.51
N LEU B 62 -7.25 16.47 -13.23
CA LEU B 62 -5.98 16.86 -12.55
C LEU B 62 -5.89 16.22 -11.17
N ASN B 63 -6.99 16.27 -10.40
CA ASN B 63 -7.03 15.70 -9.03
C ASN B 63 -6.84 14.19 -9.12
N ASP B 64 -7.53 13.55 -10.07
CA ASP B 64 -7.45 12.08 -10.25
C ASP B 64 -6.00 11.65 -10.50
N TRP B 65 -5.29 12.39 -11.33
CA TRP B 65 -3.88 12.10 -11.66
C TRP B 65 -3.03 12.15 -10.38
N ALA B 66 -3.20 13.19 -9.59
CA ALA B 66 -2.39 13.42 -8.39
C ALA B 66 -2.71 12.35 -7.34
N GLU B 67 -3.99 12.07 -7.12
CA GLU B 67 -4.41 11.11 -6.07
C GLU B 67 -3.89 9.71 -6.40
N ARG B 68 -3.97 9.31 -7.66
CA ARG B 68 -3.51 7.96 -8.08
C ARG B 68 -2.01 7.84 -7.77
N LEU B 69 -1.23 8.86 -8.14
CA LEU B 69 0.22 8.82 -7.90
C LEU B 69 0.51 8.89 -6.39
N LEU B 70 -0.21 9.71 -5.64
CA LEU B 70 0.00 9.82 -4.16
C LEU B 70 -0.20 8.44 -3.54
N GLN B 71 -1.32 7.77 -3.88
CA GLN B 71 -1.71 6.47 -3.30
C GLN B 71 -0.75 5.38 -3.72
N GLU B 72 -0.10 5.52 -4.87
CA GLU B 72 1.00 4.63 -5.28
C GLU B 72 2.23 4.85 -4.37
N LEU B 73 2.60 6.10 -4.13
CA LEU B 73 3.86 6.38 -3.40
C LEU B 73 3.72 6.05 -1.92
N ASN B 74 2.51 6.20 -1.36
CA ASN B 74 2.33 6.01 0.10
C ASN B 74 1.72 4.63 0.40
N GLY B 75 1.44 3.82 -0.61
CA GLY B 75 0.90 2.45 -0.47
C GLY B 75 -0.57 2.40 -0.06
N GLU B 76 -1.27 3.53 -0.03
CA GLU B 76 -2.74 3.56 0.24
C GLU B 76 -3.47 2.66 -0.77
N ASP B 77 -3.03 2.58 -2.04
CA ASP B 77 -3.70 1.73 -3.06
C ASP B 77 -3.61 0.27 -2.64
N VAL B 78 -2.45 -0.18 -2.17
CA VAL B 78 -2.25 -1.56 -1.67
C VAL B 78 -3.12 -1.81 -0.43
N LYS B 79 -3.22 -0.84 0.48
CA LYS B 79 -4.02 -1.01 1.73
C LYS B 79 -5.48 -1.23 1.36
N LYS B 80 -6.00 -0.49 0.37
CA LYS B 80 -7.42 -0.60 -0.04
C LYS B 80 -7.64 -1.97 -0.66
N VAL B 81 -6.70 -2.44 -1.48
CA VAL B 81 -6.82 -3.76 -2.11
C VAL B 81 -6.74 -4.83 -1.00
N LEU B 82 -5.86 -4.66 -0.02
CA LEU B 82 -5.75 -5.61 1.11
C LEU B 82 -7.10 -5.70 1.84
N GLY B 83 -7.75 -4.57 2.08
CA GLY B 83 -9.07 -4.55 2.75
C GLY B 83 -10.05 -5.43 1.98
N LYS B 84 -10.11 -5.28 0.66
CA LYS B 84 -11.08 -6.05 -0.18
C LYS B 84 -10.71 -7.56 -0.14
N VAL B 85 -9.45 -7.91 -0.37
CA VAL B 85 -8.97 -9.31 -0.41
C VAL B 85 -9.20 -9.97 0.96
N ALA B 86 -8.97 -9.26 2.06
CA ALA B 86 -9.26 -9.81 3.41
C ALA B 86 -10.74 -10.16 3.55
N PHE B 87 -11.62 -9.28 3.07
CA PHE B 87 -13.07 -9.52 3.16
C PHE B 87 -13.44 -10.68 2.21
N GLU B 88 -12.86 -10.79 1.02
CA GLU B 88 -13.16 -11.92 0.10
C GLU B 88 -12.70 -13.24 0.73
N LYS B 89 -11.53 -13.24 1.35
CA LYS B 89 -10.99 -14.44 2.03
C LYS B 89 -11.94 -14.85 3.14
N ASP B 90 -12.39 -13.90 3.95
CA ASP B 90 -13.35 -14.17 5.04
C ASP B 90 -14.66 -14.79 4.49
N ASP B 91 -15.25 -14.20 3.45
CA ASP B 91 -16.47 -14.70 2.76
C ASP B 91 -16.23 -16.13 2.26
N LEU B 92 -15.07 -16.40 1.69
CA LEU B 92 -14.77 -17.75 1.16
C LEU B 92 -14.63 -18.76 2.30
N GLU B 93 -14.04 -18.38 3.42
CA GLU B 93 -13.89 -19.29 4.57
C GLU B 93 -15.27 -19.69 5.08
N LYS B 94 -16.18 -18.74 5.13
CA LYS B 94 -17.56 -18.99 5.58
C LYS B 94 -18.27 -19.86 4.51
N GLU B 95 -17.98 -19.67 3.25
CA GLU B 95 -18.64 -20.46 2.18
C GLU B 95 -18.15 -21.89 2.24
N VAL B 96 -16.85 -22.11 2.50
CA VAL B 96 -16.27 -23.47 2.64
C VAL B 96 -17.00 -24.20 3.79
N LYS B 97 -17.17 -23.52 4.92
CA LYS B 97 -17.82 -24.10 6.12
C LYS B 97 -19.25 -24.53 5.75
N GLU B 98 -20.01 -23.65 5.12
CA GLU B 98 -21.43 -23.87 4.72
C GLU B 98 -21.50 -25.05 3.74
N LEU B 99 -20.57 -25.13 2.80
CA LEU B 99 -20.61 -26.21 1.79
C LEU B 99 -20.28 -27.55 2.49
N LYS B 100 -19.35 -27.57 3.43
CA LYS B 100 -19.01 -28.82 4.15
C LYS B 100 -20.20 -29.29 4.97
N GLU B 101 -20.91 -28.36 5.61
CA GLU B 101 -22.15 -28.65 6.36
C GLU B 101 -23.19 -29.28 5.42
N LYS B 102 -23.39 -28.72 4.22
CA LYS B 102 -24.39 -29.22 3.24
C LYS B 102 -24.04 -30.66 2.83
N ILE B 103 -22.75 -30.93 2.60
CA ILE B 103 -22.26 -32.27 2.21
C ILE B 103 -22.50 -33.27 3.36
N ASP B 104 -22.21 -32.88 4.60
CA ASP B 104 -22.39 -33.76 5.78
C ASP B 104 -23.88 -34.03 5.97
N LYS B 105 -24.73 -33.02 5.75
CA LYS B 105 -26.20 -33.19 5.92
C LYS B 105 -26.73 -34.19 4.88
N LYS B 106 -26.29 -34.05 3.63
CA LYS B 106 -26.72 -34.90 2.48
C LYS B 106 -26.36 -36.38 2.76
N GLU B 107 -25.12 -36.59 3.22
CA GLU B 107 -24.55 -37.92 3.57
C GLU B 107 -25.41 -38.55 4.66
N LYS B 108 -25.73 -37.77 5.70
CA LYS B 108 -26.54 -38.22 6.85
C LYS B 108 -27.96 -38.53 6.34
N GLU B 109 -28.55 -37.63 5.55
CA GLU B 109 -29.92 -37.78 4.99
C GLU B 109 -30.07 -39.14 4.29
N TYR B 110 -29.06 -39.60 3.54
CA TYR B 110 -29.13 -40.77 2.63
C TYR B 110 -28.23 -41.92 3.13
N GLN B 111 -27.92 -41.97 4.42
CA GLN B 111 -27.00 -43.01 4.97
C GLN B 111 -27.65 -44.40 4.83
N ASP B 112 -28.99 -44.48 4.84
CA ASP B 112 -29.73 -45.76 4.76
C ASP B 112 -29.91 -46.17 3.29
N CYS B 113 -29.66 -45.30 2.30
CA CYS B 113 -29.99 -45.52 0.86
C CYS B 113 -29.05 -46.53 0.19
#